data_4BNR
#
_entry.id   4BNR
#
_cell.length_a   138.980
_cell.length_b   138.980
_cell.length_c   93.370
_cell.angle_alpha   90.00
_cell.angle_beta   90.00
_cell.angle_gamma   120.00
#
_symmetry.space_group_name_H-M   'H 3'
#
loop_
_entity.id
_entity.type
_entity.pdbx_description
1 polymer 'HEPATOPANCREAS TRYPSIN'
2 polymer 'PANCREATIC TRYPSIN INHIBITOR'
3 non-polymer 'CALCIUM ION'
4 non-polymer 'SULFATE ION'
5 water water
#
loop_
_entity_poly.entity_id
_entity_poly.type
_entity_poly.pdbx_seq_one_letter_code
_entity_poly.pdbx_strand_id
1 'polypeptide(L)'
;IVGGTDATLGEFPYQLSFQETFIGFSFHFCGASIYNENYAITAGHCVYGDDYENPSGLQIVAGELDMSVNEGSEQIITVS
KIILHENFDYNLLDNDISLLKLSGSLTFNDNVAPIALPEQGHTATGDVIVTGWGTTSEGGNTPDVLQKVTVPLVSDEDCR
ADYGADEILDSMICAGVPEGGKDSCQGDSGGPLAASDTGSTYLAGIVSWGYGCARPGYPGVYTEVSYHVDWIKANAV
;
A,B
2 'polypeptide(L)'
;MKMSRLCLSVALLVLLGTLAASTPGCDTSNQAKAQRPDFCLEPPYTGPCKARIIRYFYNAKAGLCQTFVYGGCRAKRNNF
KSAEDCMRTCGGAIGPWENL
;
I,J
#
# COMPACT_ATOMS: atom_id res chain seq x y z
N ILE A 1 -22.80 3.59 -3.95
CA ILE A 1 -24.21 3.23 -4.06
C ILE A 1 -24.36 1.81 -4.60
N VAL A 2 -25.01 0.95 -3.81
CA VAL A 2 -25.26 -0.43 -4.22
C VAL A 2 -26.67 -0.55 -4.79
N GLY A 3 -26.80 -1.27 -5.90
CA GLY A 3 -28.10 -1.54 -6.50
C GLY A 3 -28.72 -0.34 -7.16
N GLY A 4 -27.89 0.60 -7.57
CA GLY A 4 -28.35 1.82 -8.20
C GLY A 4 -28.17 1.82 -9.70
N THR A 5 -28.42 2.96 -10.32
CA THR A 5 -28.24 3.12 -11.75
C THR A 5 -27.53 4.44 -12.04
N ASP A 6 -27.06 4.60 -13.27
CA ASP A 6 -26.37 5.82 -13.69
C ASP A 6 -27.27 7.04 -13.59
N ALA A 7 -26.71 8.13 -13.06
CA ALA A 7 -27.38 9.42 -13.07
C ALA A 7 -27.07 10.07 -14.39
N THR A 8 -27.80 11.13 -14.71
CA THR A 8 -27.52 11.92 -15.90
C THR A 8 -27.11 13.31 -15.46
N LEU A 9 -26.39 14.02 -16.32
CA LEU A 9 -25.91 15.36 -15.99
C LEU A 9 -27.10 16.29 -15.78
N GLY A 10 -27.13 16.96 -14.62
CA GLY A 10 -28.20 17.89 -14.32
C GLY A 10 -29.35 17.25 -13.55
N GLU A 11 -29.27 15.95 -13.32
CA GLU A 11 -30.33 15.27 -12.60
C GLU A 11 -30.24 15.62 -11.12
N PHE A 12 -29.01 15.65 -10.60
CA PHE A 12 -28.76 15.95 -9.19
C PHE A 12 -27.76 17.10 -9.06
N PRO A 13 -28.19 18.33 -9.41
CA PRO A 13 -27.25 19.45 -9.50
C PRO A 13 -26.67 19.88 -8.16
N TYR A 14 -27.22 19.33 -7.07
CA TYR A 14 -26.75 19.63 -5.72
C TYR A 14 -25.67 18.67 -5.23
N GLN A 15 -25.40 17.62 -6.01
CA GLN A 15 -24.40 16.61 -5.62
C GLN A 15 -23.00 17.16 -5.78
N LEU A 16 -22.17 16.94 -4.76
CA LEU A 16 -20.77 17.31 -4.81
C LEU A 16 -19.88 16.10 -4.54
N SER A 17 -18.69 16.13 -5.10
CA SER A 17 -17.61 15.21 -4.76
C SER A 17 -16.65 15.95 -3.84
N PHE A 18 -16.36 15.37 -2.68
CA PHE A 18 -15.50 15.98 -1.68
C PHE A 18 -14.17 15.24 -1.82
N GLN A 19 -13.13 15.97 -2.19
CA GLN A 19 -11.86 15.37 -2.61
C GLN A 19 -10.64 15.92 -1.88
N GLU A 20 -9.65 15.06 -1.67
CA GLU A 20 -8.33 15.48 -1.22
C GLU A 20 -7.41 15.58 -2.42
N THR A 21 -6.66 16.67 -2.52
CA THR A 21 -5.79 16.91 -3.68
C THR A 21 -4.31 16.84 -3.37
N PHE A 22 -3.58 16.35 -4.36
CA PHE A 22 -2.13 16.29 -4.31
C PHE A 22 -1.65 16.66 -5.69
N ILE A 23 -0.34 16.70 -5.88
CA ILE A 23 0.21 17.02 -7.18
C ILE A 23 -0.01 15.85 -8.12
N GLY A 24 -0.80 16.07 -9.17
CA GLY A 24 -1.02 15.06 -10.19
C GLY A 24 -2.20 14.14 -9.94
N PHE A 25 -2.88 14.28 -8.80
CA PHE A 25 -4.09 13.51 -8.57
C PHE A 25 -4.93 14.02 -7.41
N SER A 26 -6.23 13.85 -7.55
CA SER A 26 -7.19 14.13 -6.50
C SER A 26 -7.85 12.82 -6.16
N PHE A 27 -8.41 12.72 -4.97
CA PHE A 27 -9.06 11.51 -4.54
C PHE A 27 -10.39 11.79 -3.87
N HIS A 28 -11.46 11.24 -4.44
CA HIS A 28 -12.80 11.31 -3.87
C HIS A 28 -12.92 10.41 -2.63
N PHE A 29 -13.28 10.97 -1.48
CA PHE A 29 -13.40 10.19 -0.23
C PHE A 29 -14.77 10.33 0.44
N CYS A 30 -15.54 11.33 0.04
CA CYS A 30 -16.89 11.56 0.58
C CYS A 30 -17.70 12.34 -0.42
N GLY A 31 -19.01 12.36 -0.20
CA GLY A 31 -19.88 13.24 -0.96
C GLY A 31 -20.18 14.49 -0.14
N ALA A 32 -20.90 15.42 -0.75
CA ALA A 32 -21.38 16.60 -0.06
C ALA A 32 -22.57 17.15 -0.85
N SER A 33 -23.26 18.13 -0.29
CA SER A 33 -24.40 18.77 -0.94
C SER A 33 -24.27 20.29 -0.93
N ILE A 34 -24.74 20.93 -2.00
CA ILE A 34 -24.73 22.38 -2.07
C ILE A 34 -25.84 22.97 -1.21
N TYR A 35 -25.47 23.80 -0.24
CA TYR A 35 -26.44 24.55 0.57
C TYR A 35 -26.70 25.93 -0.01
N ASN A 36 -25.63 26.67 -0.29
CA ASN A 36 -25.73 27.90 -1.06
C ASN A 36 -24.44 28.11 -1.83
N GLU A 37 -24.23 29.30 -2.37
CA GLU A 37 -23.09 29.51 -3.26
C GLU A 37 -21.74 29.40 -2.56
N ASN A 38 -21.73 29.49 -1.23
CA ASN A 38 -20.49 29.54 -0.47
C ASN A 38 -20.29 28.39 0.50
N TYR A 39 -21.29 27.52 0.61
CA TYR A 39 -21.29 26.49 1.62
C TYR A 39 -21.83 25.15 1.13
N ALA A 40 -21.11 24.09 1.51
CA ALA A 40 -21.57 22.74 1.31
C ALA A 40 -21.81 22.04 2.65
N ILE A 41 -22.75 21.10 2.64
CA ILE A 41 -23.03 20.26 3.80
C ILE A 41 -22.45 18.86 3.58
N THR A 42 -21.77 18.33 4.59
CA THR A 42 -21.24 16.97 4.52
C THR A 42 -21.33 16.34 5.91
N ALA A 43 -20.79 15.13 6.06
CA ALA A 43 -20.84 14.44 7.34
C ALA A 43 -19.71 14.92 8.24
N GLY A 44 -19.92 14.76 9.54
CA GLY A 44 -18.89 15.11 10.50
C GLY A 44 -17.68 14.19 10.41
N HIS A 45 -17.92 12.90 10.22
CA HIS A 45 -16.81 11.95 10.18
C HIS A 45 -15.97 12.10 8.90
N CYS A 46 -16.52 12.78 7.88
CA CYS A 46 -15.74 13.12 6.70
C CYS A 46 -14.63 14.14 6.96
N VAL A 47 -14.75 14.92 8.04
CA VAL A 47 -13.79 15.99 8.32
C VAL A 47 -13.12 15.87 9.69
N TYR A 48 -13.60 14.95 10.52
CA TYR A 48 -13.08 14.79 11.86
C TYR A 48 -11.56 14.62 11.85
N GLY A 49 -10.86 15.43 12.63
CA GLY A 49 -9.41 15.37 12.71
C GLY A 49 -8.68 16.32 11.77
N ASP A 50 -9.43 16.98 10.89
CA ASP A 50 -8.84 17.97 9.97
C ASP A 50 -8.44 19.23 10.70
N ASP A 51 -7.57 20.02 10.08
CA ASP A 51 -7.29 21.38 10.51
C ASP A 51 -8.46 22.25 10.05
N TYR A 52 -9.43 22.47 10.94
CA TYR A 52 -10.69 23.07 10.56
C TYR A 52 -10.55 24.53 10.10
N GLU A 53 -9.63 25.26 10.73
CA GLU A 53 -9.43 26.69 10.44
C GLU A 53 -8.55 26.91 9.22
N ASN A 54 -7.63 25.99 8.96
CA ASN A 54 -6.79 26.09 7.77
C ASN A 54 -6.69 24.75 7.06
N PRO A 55 -7.79 24.30 6.46
CA PRO A 55 -7.77 23.00 5.81
C PRO A 55 -6.82 23.02 4.61
N SER A 56 -6.08 21.93 4.43
CA SER A 56 -5.10 21.84 3.37
C SER A 56 -5.50 20.75 2.37
N GLY A 57 -5.41 21.10 1.09
CA GLY A 57 -5.59 20.14 0.01
C GLY A 57 -6.97 19.51 -0.02
N LEU A 58 -7.98 20.29 0.32
CA LEU A 58 -9.37 19.83 0.26
C LEU A 58 -10.15 20.69 -0.73
N GLN A 59 -10.95 20.03 -1.56
CA GLN A 59 -11.79 20.72 -2.52
C GLN A 59 -13.12 20.01 -2.71
N ILE A 60 -14.09 20.73 -3.26
CA ILE A 60 -15.31 20.12 -3.77
C ILE A 60 -15.35 20.25 -5.28
N VAL A 61 -16.07 19.33 -5.91
CA VAL A 61 -16.34 19.42 -7.34
C VAL A 61 -17.84 19.39 -7.53
N ALA A 62 -18.37 20.47 -8.11
CA ALA A 62 -19.78 20.56 -8.48
C ALA A 62 -19.90 20.31 -9.98
N GLY A 63 -21.08 19.90 -10.42
CA GLY A 63 -21.32 19.64 -11.83
C GLY A 63 -20.55 18.45 -12.36
N GLU A 64 -20.25 17.51 -11.48
CA GLU A 64 -19.55 16.31 -11.87
C GLU A 64 -20.57 15.19 -12.15
N LEU A 65 -20.24 14.31 -13.08
CA LEU A 65 -21.07 13.14 -13.33
C LEU A 65 -20.19 11.93 -13.57
N ASP A 66 -19.44 11.98 -14.66
CA ASP A 66 -18.51 10.91 -15.02
C ASP A 66 -17.09 11.38 -14.74
N MET A 67 -16.42 10.75 -13.80
CA MET A 67 -15.10 11.19 -13.39
C MET A 67 -14.00 10.83 -14.39
N SER A 68 -14.33 10.08 -15.43
CA SER A 68 -13.34 9.69 -16.45
C SER A 68 -13.25 10.68 -17.61
N VAL A 69 -14.21 11.59 -17.72
CA VAL A 69 -14.28 12.49 -18.88
C VAL A 69 -14.58 13.92 -18.46
N ASN A 70 -13.84 14.86 -19.03
CA ASN A 70 -14.11 16.28 -18.81
C ASN A 70 -15.37 16.69 -19.57
N GLU A 71 -16.47 16.86 -18.86
CA GLU A 71 -17.78 17.12 -19.47
C GLU A 71 -18.07 18.61 -19.62
N GLY A 72 -17.19 19.44 -19.06
CA GLY A 72 -17.30 20.88 -19.19
C GLY A 72 -18.08 21.54 -18.06
N SER A 73 -18.88 20.75 -17.35
CA SER A 73 -19.75 21.29 -16.27
C SER A 73 -19.04 21.41 -14.93
N GLU A 74 -17.89 20.77 -14.80
CA GLU A 74 -17.23 20.65 -13.51
C GLU A 74 -16.75 22.00 -12.97
N GLN A 75 -17.06 22.28 -11.71
CA GLN A 75 -16.53 23.44 -11.01
C GLN A 75 -15.76 22.97 -9.80
N ILE A 76 -14.46 23.24 -9.79
CA ILE A 76 -13.59 22.81 -8.70
C ILE A 76 -13.31 23.99 -7.81
N ILE A 77 -13.59 23.83 -6.52
CA ILE A 77 -13.44 24.91 -5.55
C ILE A 77 -12.81 24.38 -4.27
N THR A 78 -11.75 25.05 -3.82
CA THR A 78 -11.10 24.63 -2.61
C THR A 78 -11.91 25.01 -1.38
N VAL A 79 -11.76 24.22 -0.33
CA VAL A 79 -12.39 24.47 0.96
C VAL A 79 -11.47 25.37 1.78
N SER A 80 -12.00 26.50 2.25
CA SER A 80 -11.20 27.45 3.02
C SER A 80 -11.41 27.32 4.52
N LYS A 81 -12.52 26.73 4.92
CA LYS A 81 -12.80 26.54 6.33
C LYS A 81 -13.79 25.40 6.51
N ILE A 82 -13.60 24.64 7.60
CA ILE A 82 -14.52 23.58 7.97
C ILE A 82 -15.19 23.94 9.31
N ILE A 83 -16.51 23.75 9.38
CA ILE A 83 -17.27 23.93 10.61
C ILE A 83 -17.91 22.60 11.01
N LEU A 84 -17.22 21.85 11.86
CA LEU A 84 -17.74 20.63 12.44
C LEU A 84 -18.74 20.98 13.54
N HIS A 85 -19.85 20.25 13.61
CA HIS A 85 -20.83 20.46 14.67
C HIS A 85 -20.11 20.44 16.02
N GLU A 86 -20.28 21.49 16.81
CA GLU A 86 -19.61 21.61 18.10
C GLU A 86 -19.88 20.45 19.07
N ASN A 87 -21.01 19.76 18.88
CA ASN A 87 -21.36 18.61 19.72
C ASN A 87 -21.24 17.29 18.98
N PHE A 88 -20.42 17.25 17.93
CA PHE A 88 -20.10 15.99 17.27
C PHE A 88 -19.56 15.00 18.28
N ASP A 89 -20.06 13.77 18.23
CA ASP A 89 -19.62 12.70 19.12
C ASP A 89 -19.08 11.56 18.27
N TYR A 90 -17.76 11.42 18.28
CA TYR A 90 -17.07 10.45 17.45
C TYR A 90 -17.53 9.02 17.70
N ASN A 91 -17.80 8.69 18.96
CA ASN A 91 -18.12 7.31 19.33
C ASN A 91 -19.57 6.95 19.01
N LEU A 92 -20.48 7.85 19.36
CA LEU A 92 -21.90 7.64 19.15
C LEU A 92 -22.36 8.09 17.76
N LEU A 93 -21.52 8.84 17.06
CA LEU A 93 -21.89 9.47 15.80
C LEU A 93 -23.09 10.41 15.94
N ASP A 94 -23.17 11.07 17.08
CA ASP A 94 -24.23 12.04 17.30
C ASP A 94 -23.79 13.32 16.61
N ASN A 95 -24.75 14.02 16.03
CA ASN A 95 -24.49 15.29 15.35
C ASN A 95 -23.44 15.13 14.25
N ASP A 96 -23.58 14.07 13.46
CA ASP A 96 -22.63 13.77 12.39
C ASP A 96 -22.89 14.65 11.18
N ILE A 97 -22.51 15.92 11.31
CA ILE A 97 -22.73 16.90 10.25
C ILE A 97 -21.60 17.93 10.32
N SER A 98 -21.17 18.41 9.16
CA SER A 98 -20.28 19.57 9.11
C SER A 98 -20.57 20.44 7.88
N LEU A 99 -20.08 21.67 7.94
CA LEU A 99 -20.13 22.58 6.80
C LEU A 99 -18.76 22.82 6.23
N LEU A 100 -18.73 23.01 4.92
CA LEU A 100 -17.51 23.36 4.21
C LEU A 100 -17.70 24.74 3.61
N LYS A 101 -16.89 25.68 4.05
CA LYS A 101 -16.91 27.01 3.48
C LYS A 101 -15.97 27.01 2.28
N LEU A 102 -16.45 27.53 1.15
CA LEU A 102 -15.70 27.51 -0.08
C LEU A 102 -14.86 28.78 -0.24
N SER A 103 -13.69 28.64 -0.84
CA SER A 103 -12.77 29.75 -1.08
C SER A 103 -13.38 30.80 -1.99
N GLY A 104 -14.31 30.37 -2.82
CA GLY A 104 -15.03 31.26 -3.71
C GLY A 104 -16.42 30.71 -4.00
N SER A 105 -17.26 31.55 -4.58
CA SER A 105 -18.64 31.20 -4.86
C SER A 105 -18.78 30.23 -6.02
N LEU A 106 -19.70 29.29 -5.86
CA LEU A 106 -20.19 28.47 -6.96
C LEU A 106 -20.97 29.35 -7.92
N THR A 107 -20.92 29.02 -9.20
CA THR A 107 -21.81 29.62 -10.18
C THR A 107 -22.96 28.65 -10.43
N PHE A 108 -24.19 29.11 -10.23
CA PHE A 108 -25.36 28.25 -10.41
C PHE A 108 -25.84 28.21 -11.86
N ASN A 109 -26.24 27.02 -12.30
CA ASN A 109 -26.78 26.80 -13.63
C ASN A 109 -27.63 25.53 -13.63
N ASP A 110 -27.92 25.00 -14.82
CA ASP A 110 -28.73 23.78 -14.92
C ASP A 110 -28.08 22.58 -14.21
N ASN A 111 -26.76 22.53 -14.19
CA ASN A 111 -26.04 21.37 -13.63
C ASN A 111 -25.49 21.60 -12.22
N VAL A 112 -25.59 22.83 -11.72
CA VAL A 112 -25.06 23.19 -10.41
C VAL A 112 -26.08 24.08 -9.70
N ALA A 113 -26.61 23.58 -8.58
CA ALA A 113 -27.65 24.31 -7.86
C ALA A 113 -27.82 23.79 -6.43
N PRO A 114 -28.35 24.64 -5.53
CA PRO A 114 -28.54 24.18 -4.14
C PRO A 114 -29.69 23.18 -4.01
N ILE A 115 -29.69 22.43 -2.93
CA ILE A 115 -30.84 21.64 -2.54
C ILE A 115 -31.49 22.30 -1.32
N ALA A 116 -32.81 22.38 -1.32
CA ALA A 116 -33.53 23.05 -0.24
C ALA A 116 -33.44 22.26 1.05
N LEU A 117 -33.42 22.97 2.17
CA LEU A 117 -33.52 22.35 3.48
C LEU A 117 -34.98 22.17 3.83
N PRO A 118 -35.28 21.15 4.66
CA PRO A 118 -36.63 21.07 5.22
C PRO A 118 -36.80 22.10 6.32
N GLU A 119 -38.00 22.21 6.86
CA GLU A 119 -38.21 22.99 8.06
C GLU A 119 -37.65 22.20 9.25
N GLN A 120 -37.11 22.92 10.23
CA GLN A 120 -36.59 22.29 11.45
C GLN A 120 -37.69 21.43 12.03
N GLY A 121 -37.37 20.17 12.33
CA GLY A 121 -38.31 19.30 13.01
C GLY A 121 -39.26 18.52 12.12
N HIS A 122 -39.23 18.78 10.81
CA HIS A 122 -40.08 18.02 9.90
C HIS A 122 -39.60 16.57 9.77
N THR A 123 -40.55 15.65 9.75
CA THR A 123 -40.25 14.23 9.62
C THR A 123 -40.49 13.78 8.17
N ALA A 124 -39.40 13.42 7.48
CA ALA A 124 -39.49 12.96 6.11
C ALA A 124 -40.22 11.63 6.01
N THR A 125 -40.90 11.42 4.88
CA THR A 125 -41.68 10.20 4.65
C THR A 125 -41.55 9.76 3.20
N GLY A 126 -41.85 8.48 2.95
CA GLY A 126 -41.92 7.97 1.60
C GLY A 126 -40.60 7.53 1.02
N ASP A 127 -40.54 7.50 -0.31
CA ASP A 127 -39.34 7.08 -1.02
C ASP A 127 -38.37 8.24 -1.16
N VAL A 128 -37.09 7.93 -1.04
CA VAL A 128 -36.02 8.91 -1.11
C VAL A 128 -34.94 8.46 -2.09
N ILE A 129 -34.22 9.43 -2.64
CA ILE A 129 -33.15 9.16 -3.60
C ILE A 129 -31.80 9.46 -2.97
N VAL A 130 -30.91 8.47 -2.99
CA VAL A 130 -29.57 8.63 -2.43
C VAL A 130 -28.57 8.53 -3.58
N THR A 131 -27.57 9.40 -3.58
CA THR A 131 -26.64 9.50 -4.70
C THR A 131 -25.19 9.59 -4.23
N GLY A 132 -24.25 9.19 -5.09
CA GLY A 132 -22.84 9.28 -4.76
C GLY A 132 -21.94 8.43 -5.65
N TRP A 133 -20.63 8.55 -5.46
CA TRP A 133 -19.64 7.77 -6.18
C TRP A 133 -18.99 6.74 -5.26
N GLY A 134 -19.75 6.26 -4.28
CA GLY A 134 -19.26 5.24 -3.36
C GLY A 134 -19.22 3.88 -4.04
N THR A 135 -18.71 2.89 -3.31
CA THR A 135 -18.58 1.55 -3.87
C THR A 135 -19.95 1.02 -4.29
N THR A 136 -19.95 0.22 -5.36
CA THR A 136 -21.16 -0.39 -5.90
C THR A 136 -21.44 -1.75 -5.29
N SER A 137 -20.51 -2.22 -4.48
CA SER A 137 -20.71 -3.43 -3.69
C SER A 137 -19.93 -3.28 -2.40
N GLU A 138 -20.33 -4.01 -1.37
CA GLU A 138 -19.62 -3.97 -0.11
C GLU A 138 -18.20 -4.43 -0.36
N GLY A 139 -17.24 -3.52 -0.18
CA GLY A 139 -15.84 -3.84 -0.30
C GLY A 139 -15.30 -3.79 -1.73
N GLY A 140 -16.08 -3.25 -2.65
CA GLY A 140 -15.71 -3.28 -4.04
C GLY A 140 -15.06 -2.02 -4.61
N ASN A 141 -15.32 -1.82 -5.89
CA ASN A 141 -14.81 -0.71 -6.69
C ASN A 141 -15.77 0.47 -6.64
N THR A 142 -15.26 1.65 -7.00
CA THR A 142 -16.12 2.84 -7.17
C THR A 142 -16.37 3.13 -8.64
N PRO A 143 -17.57 3.64 -8.97
CA PRO A 143 -17.91 3.83 -10.39
C PRO A 143 -17.46 5.20 -10.89
N ASP A 144 -17.19 5.29 -12.18
CA ASP A 144 -16.85 6.57 -12.80
C ASP A 144 -18.08 7.46 -12.81
N VAL A 145 -19.25 6.87 -13.03
CA VAL A 145 -20.48 7.63 -13.20
C VAL A 145 -21.29 7.70 -11.91
N LEU A 146 -21.75 8.90 -11.57
CA LEU A 146 -22.57 9.12 -10.38
C LEU A 146 -23.75 8.14 -10.37
N GLN A 147 -23.98 7.53 -9.21
CA GLN A 147 -25.05 6.54 -9.07
C GLN A 147 -26.21 7.11 -8.26
N LYS A 148 -27.42 6.70 -8.63
CA LYS A 148 -28.62 7.02 -7.87
C LYS A 148 -29.33 5.74 -7.46
N VAL A 149 -29.97 5.77 -6.31
CA VAL A 149 -30.82 4.66 -5.89
C VAL A 149 -32.04 5.20 -5.15
N THR A 150 -33.18 4.57 -5.38
CA THR A 150 -34.40 4.93 -4.66
C THR A 150 -34.73 3.86 -3.63
N VAL A 151 -34.89 4.30 -2.38
CA VAL A 151 -35.25 3.41 -1.30
C VAL A 151 -36.31 4.04 -0.43
N PRO A 152 -37.07 3.22 0.30
CA PRO A 152 -38.07 3.76 1.23
C PRO A 152 -37.45 4.09 2.58
N LEU A 153 -37.96 5.11 3.25
CA LEU A 153 -37.51 5.42 4.60
C LEU A 153 -38.00 4.32 5.54
N VAL A 154 -37.20 4.04 6.57
CA VAL A 154 -37.55 3.09 7.61
C VAL A 154 -37.75 3.87 8.90
N SER A 155 -38.82 3.56 9.62
CA SER A 155 -39.11 4.26 10.88
C SER A 155 -38.01 4.01 11.90
N ASP A 156 -37.87 4.95 12.82
CA ASP A 156 -36.87 4.86 13.89
C ASP A 156 -37.04 3.59 14.72
N GLU A 157 -38.28 3.19 15.01
CA GLU A 157 -38.50 2.01 15.84
C GLU A 157 -38.16 0.72 15.08
N ASP A 158 -38.46 0.68 13.78
CA ASP A 158 -38.09 -0.46 12.96
C ASP A 158 -36.57 -0.53 12.82
N CYS A 159 -35.93 0.62 12.61
CA CYS A 159 -34.48 0.64 12.46
C CYS A 159 -33.83 0.22 13.77
N ARG A 160 -34.45 0.60 14.89
CA ARG A 160 -33.94 0.21 16.19
C ARG A 160 -34.08 -1.29 16.42
N ALA A 161 -35.12 -1.89 15.84
CA ALA A 161 -35.30 -3.34 15.94
C ALA A 161 -34.19 -4.07 15.20
N ASP A 162 -33.70 -3.43 14.13
CA ASP A 162 -32.64 -4.00 13.31
C ASP A 162 -31.27 -3.86 13.99
N TYR A 163 -30.98 -2.65 14.45
CA TYR A 163 -29.66 -2.32 14.96
C TYR A 163 -29.57 -2.33 16.49
N GLY A 164 -30.63 -1.91 17.15
CA GLY A 164 -30.66 -1.78 18.60
C GLY A 164 -31.21 -0.43 19.03
N ALA A 165 -31.70 -0.36 20.27
CA ALA A 165 -32.36 0.86 20.77
C ALA A 165 -31.43 2.06 20.79
N ASP A 166 -30.33 1.94 21.54
CA ASP A 166 -29.40 3.06 21.73
C ASP A 166 -28.46 3.24 20.53
N GLU A 167 -28.54 2.32 19.57
CA GLU A 167 -27.69 2.38 18.38
C GLU A 167 -28.19 3.48 17.43
N ILE A 168 -29.50 3.60 17.31
CA ILE A 168 -30.10 4.59 16.43
C ILE A 168 -30.61 5.78 17.24
N LEU A 169 -29.97 6.92 17.08
CA LEU A 169 -30.38 8.13 17.81
C LEU A 169 -31.60 8.76 17.16
N ASP A 170 -32.33 9.56 17.93
CA ASP A 170 -33.50 10.28 17.42
C ASP A 170 -33.15 11.08 16.17
N SER A 171 -31.94 11.67 16.15
CA SER A 171 -31.51 12.54 15.07
C SER A 171 -30.94 11.80 13.87
N MET A 172 -31.09 10.48 13.86
CA MET A 172 -30.71 9.67 12.71
C MET A 172 -31.96 9.19 12.00
N ILE A 173 -31.85 8.91 10.70
CA ILE A 173 -32.96 8.38 9.92
C ILE A 173 -32.44 7.23 9.07
N CYS A 174 -33.27 6.20 8.89
CA CYS A 174 -32.85 5.01 8.16
C CYS A 174 -33.62 4.78 6.87
N ALA A 175 -32.95 4.16 5.92
CA ALA A 175 -33.52 3.89 4.59
C ALA A 175 -32.96 2.62 3.98
N GLY A 176 -33.85 1.79 3.44
CA GLY A 176 -33.47 0.58 2.74
C GLY A 176 -34.66 -0.33 2.57
N VAL A 177 -34.48 -1.41 1.81
CA VAL A 177 -35.54 -2.40 1.64
C VAL A 177 -35.24 -3.61 2.52
N PRO A 178 -36.29 -4.33 2.95
CA PRO A 178 -36.07 -5.44 3.87
C PRO A 178 -35.21 -6.54 3.27
N GLU A 179 -35.27 -6.70 1.95
CA GLU A 179 -34.52 -7.76 1.28
C GLU A 179 -33.08 -7.34 1.00
N GLY A 180 -32.75 -6.09 1.30
CA GLY A 180 -31.42 -5.56 1.04
C GLY A 180 -31.20 -5.36 -0.44
N GLY A 181 -29.96 -5.11 -0.83
CA GLY A 181 -29.61 -4.95 -2.23
C GLY A 181 -29.55 -3.51 -2.71
N LYS A 182 -30.05 -2.57 -1.91
CA LYS A 182 -30.02 -1.17 -2.27
C LYS A 182 -29.63 -0.31 -1.06
N ASP A 183 -28.61 0.51 -1.21
CA ASP A 183 -28.01 1.20 -0.08
C ASP A 183 -26.92 2.17 -0.51
N SER A 184 -26.49 3.02 0.41
CA SER A 184 -25.27 3.80 0.24
C SER A 184 -24.11 2.95 0.79
N CYS A 185 -22.89 3.26 0.38
CA CYS A 185 -21.71 2.47 0.78
C CYS A 185 -20.46 3.35 0.88
N GLN A 186 -19.30 2.75 1.17
CA GLN A 186 -18.09 3.52 1.40
C GLN A 186 -17.78 4.43 0.23
N GLY A 187 -17.66 5.73 0.52
CA GLY A 187 -17.42 6.74 -0.49
C GLY A 187 -18.65 7.62 -0.70
N ASP A 188 -19.78 7.18 -0.18
CA ASP A 188 -21.03 7.94 -0.27
C ASP A 188 -21.23 8.90 0.91
N SER A 189 -20.50 8.67 2.00
CA SER A 189 -20.66 9.47 3.21
C SER A 189 -20.65 10.95 2.93
N GLY A 190 -21.54 11.68 3.60
CA GLY A 190 -21.59 13.12 3.47
C GLY A 190 -22.53 13.56 2.35
N GLY A 191 -22.87 12.61 1.47
CA GLY A 191 -23.73 12.89 0.34
C GLY A 191 -25.19 12.92 0.70
N PRO A 192 -26.05 13.29 -0.26
CA PRO A 192 -27.46 13.56 0.01
C PRO A 192 -28.40 12.36 -0.05
N LEU A 193 -29.33 12.33 0.91
CA LEU A 193 -30.56 11.57 0.82
C LEU A 193 -31.65 12.60 0.61
N ALA A 194 -32.28 12.57 -0.55
CA ALA A 194 -33.28 13.58 -0.92
C ALA A 194 -34.70 13.04 -0.87
N ALA A 195 -35.57 13.72 -0.11
CA ALA A 195 -36.99 13.37 -0.01
C ALA A 195 -37.82 14.38 -0.78
N SER A 196 -39.13 14.12 -0.92
CA SER A 196 -39.99 15.01 -1.68
C SER A 196 -41.44 14.96 -1.22
N ASP A 197 -41.66 14.53 0.02
CA ASP A 197 -43.01 14.34 0.55
C ASP A 197 -43.78 15.66 0.68
N THR A 198 -43.05 16.77 0.67
CA THR A 198 -43.66 18.09 0.78
C THR A 198 -44.01 18.68 -0.58
N GLY A 199 -43.91 17.86 -1.63
CA GLY A 199 -44.26 18.30 -2.97
C GLY A 199 -43.06 18.68 -3.82
N SER A 200 -41.95 18.99 -3.16
CA SER A 200 -40.71 19.35 -3.85
C SER A 200 -39.51 18.72 -3.16
N THR A 201 -38.38 18.71 -3.87
CA THR A 201 -37.18 18.04 -3.39
C THR A 201 -36.51 18.84 -2.26
N TYR A 202 -36.04 18.12 -1.24
CA TYR A 202 -35.28 18.74 -0.17
C TYR A 202 -34.32 17.72 0.44
N LEU A 203 -33.33 18.23 1.19
CA LEU A 203 -32.31 17.37 1.78
C LEU A 203 -32.80 16.81 3.12
N ALA A 204 -33.10 15.52 3.15
CA ALA A 204 -33.66 14.90 4.35
C ALA A 204 -32.59 14.18 5.15
N GLY A 205 -31.56 13.71 4.47
CA GLY A 205 -30.51 12.96 5.12
C GLY A 205 -29.11 13.17 4.56
N ILE A 206 -28.12 12.86 5.39
CA ILE A 206 -26.72 12.84 5.00
C ILE A 206 -26.20 11.42 5.25
N VAL A 207 -25.62 10.82 4.22
CA VAL A 207 -25.07 9.47 4.32
C VAL A 207 -24.09 9.40 5.49
N SER A 208 -24.29 8.44 6.40
CA SER A 208 -23.48 8.37 7.62
C SER A 208 -22.84 6.99 7.81
N TRP A 209 -23.66 5.98 8.07
CA TRP A 209 -23.14 4.65 8.42
C TRP A 209 -24.18 3.55 8.29
N GLY A 210 -23.73 2.33 8.58
CA GLY A 210 -24.59 1.17 8.58
C GLY A 210 -23.79 -0.09 8.82
N TYR A 211 -24.46 -1.21 9.02
CA TYR A 211 -23.78 -2.50 9.14
C TYR A 211 -23.54 -3.05 7.75
N GLY A 212 -22.31 -2.92 7.27
CA GLY A 212 -22.01 -3.21 5.88
C GLY A 212 -22.84 -2.31 4.99
N CYS A 213 -23.04 -2.74 3.74
CA CYS A 213 -23.88 -2.01 2.79
C CYS A 213 -24.87 -2.96 2.15
N ALA A 214 -26.14 -2.56 2.09
CA ALA A 214 -27.17 -3.30 1.36
C ALA A 214 -27.49 -4.69 1.93
N ARG A 215 -27.15 -4.93 3.18
CA ARG A 215 -27.45 -6.21 3.82
C ARG A 215 -28.93 -6.30 4.21
N PRO A 216 -29.55 -7.49 4.04
CA PRO A 216 -30.95 -7.68 4.46
C PRO A 216 -31.16 -7.36 5.94
N GLY A 217 -32.17 -6.55 6.24
CA GLY A 217 -32.49 -6.22 7.62
C GLY A 217 -31.56 -5.21 8.25
N TYR A 218 -30.67 -4.63 7.45
CA TYR A 218 -29.76 -3.60 7.96
C TYR A 218 -29.75 -2.40 7.03
N PRO A 219 -30.80 -1.57 7.12
CA PRO A 219 -30.85 -0.38 6.25
C PRO A 219 -29.75 0.61 6.58
N GLY A 220 -29.38 1.43 5.60
CA GLY A 220 -28.42 2.49 5.83
C GLY A 220 -28.94 3.52 6.83
N VAL A 221 -28.02 4.08 7.61
CA VAL A 221 -28.36 5.07 8.62
C VAL A 221 -27.82 6.43 8.16
N TYR A 222 -28.63 7.47 8.36
CA TYR A 222 -28.33 8.81 7.87
C TYR A 222 -28.52 9.84 8.98
N THR A 223 -27.76 10.92 8.91
CA THR A 223 -27.99 12.06 9.79
C THR A 223 -29.26 12.73 9.29
N GLU A 224 -30.23 12.89 10.18
CA GLU A 224 -31.51 13.45 9.78
C GLU A 224 -31.40 14.97 9.76
N VAL A 225 -31.49 15.55 8.57
CA VAL A 225 -31.20 16.96 8.39
C VAL A 225 -32.16 17.89 9.14
N SER A 226 -33.43 17.49 9.24
CA SER A 226 -34.45 18.31 9.89
C SER A 226 -34.12 18.63 11.35
N TYR A 227 -33.25 17.83 11.96
CA TYR A 227 -32.81 18.08 13.32
C TYR A 227 -31.78 19.20 13.38
N HIS A 228 -31.16 19.51 12.23
CA HIS A 228 -30.00 20.38 12.20
C HIS A 228 -30.21 21.61 11.32
N VAL A 229 -31.46 21.88 10.97
CA VAL A 229 -31.76 23.03 10.12
C VAL A 229 -31.35 24.36 10.77
N ASP A 230 -31.69 24.55 12.04
CA ASP A 230 -31.30 25.78 12.75
C ASP A 230 -29.77 25.88 12.87
N TRP A 231 -29.11 24.75 13.09
CA TRP A 231 -27.65 24.75 13.17
C TRP A 231 -27.02 25.20 11.85
N ILE A 232 -27.51 24.62 10.75
CA ILE A 232 -26.98 24.96 9.43
C ILE A 232 -27.15 26.45 9.18
N LYS A 233 -28.35 26.96 9.40
CA LYS A 233 -28.64 28.36 9.15
C LYS A 233 -27.81 29.28 10.03
N ALA A 234 -27.53 28.84 11.25
CA ALA A 234 -26.73 29.64 12.17
C ALA A 234 -25.24 29.65 11.81
N ASN A 235 -24.75 28.60 11.16
CA ASN A 235 -23.30 28.48 10.90
C ASN A 235 -22.90 28.81 9.47
N ALA A 236 -23.80 28.63 8.51
CA ALA A 236 -23.52 28.92 7.12
C ALA A 236 -23.76 30.41 6.83
N VAL A 237 -22.90 31.28 7.36
CA VAL A 237 -23.15 32.72 7.30
C VAL A 237 -21.91 33.54 6.91
N ILE B 1 15.68 -17.51 2.68
CA ILE B 1 16.17 -18.87 2.61
C ILE B 1 15.06 -19.86 2.93
N VAL B 2 14.80 -20.75 1.98
CA VAL B 2 13.81 -21.81 2.15
C VAL B 2 14.47 -23.11 2.58
N GLY B 3 13.89 -23.77 3.58
CA GLY B 3 14.36 -25.07 4.03
C GLY B 3 15.67 -25.03 4.80
N GLY B 4 15.95 -23.91 5.44
CA GLY B 4 17.21 -23.72 6.14
C GLY B 4 17.04 -23.78 7.64
N THR B 5 18.11 -23.48 8.36
CA THR B 5 18.08 -23.45 9.81
C THR B 5 18.69 -22.15 10.31
N ASP B 6 18.43 -21.83 11.58
CA ASP B 6 18.96 -20.61 12.17
C ASP B 6 20.49 -20.66 12.17
N ALA B 7 21.11 -19.51 11.89
CA ALA B 7 22.54 -19.35 12.07
C ALA B 7 22.78 -18.92 13.51
N THR B 8 24.05 -18.92 13.91
CA THR B 8 24.45 -18.40 15.22
C THR B 8 25.41 -17.24 15.01
N LEU B 9 25.51 -16.38 16.01
CA LEU B 9 26.39 -15.22 15.92
C LEU B 9 27.82 -15.71 15.73
N GLY B 10 28.52 -15.15 14.74
CA GLY B 10 29.89 -15.51 14.47
C GLY B 10 30.05 -16.60 13.43
N GLU B 11 28.97 -17.28 13.10
CA GLU B 11 29.03 -18.38 12.14
C GLU B 11 29.33 -17.87 10.72
N PHE B 12 28.69 -16.78 10.33
CA PHE B 12 28.90 -16.18 9.00
C PHE B 12 29.23 -14.70 9.12
N PRO B 13 30.44 -14.38 9.60
CA PRO B 13 30.80 -13.00 9.92
C PRO B 13 30.87 -12.10 8.69
N TYR B 14 30.84 -12.69 7.50
CA TYR B 14 30.91 -11.95 6.25
C TYR B 14 29.53 -11.53 5.73
N GLN B 15 28.47 -12.07 6.31
CA GLN B 15 27.11 -11.77 5.89
C GLN B 15 26.73 -10.35 6.25
N LEU B 16 26.15 -9.65 5.29
CA LEU B 16 25.61 -8.31 5.52
C LEU B 16 24.13 -8.23 5.17
N SER B 17 23.45 -7.33 5.86
CA SER B 17 22.10 -6.92 5.49
C SER B 17 22.19 -5.56 4.83
N PHE B 18 21.63 -5.48 3.63
CA PHE B 18 21.64 -4.26 2.81
C PHE B 18 20.27 -3.62 3.00
N GLN B 19 20.22 -2.42 3.58
CA GLN B 19 18.96 -1.84 4.04
C GLN B 19 18.69 -0.44 3.50
N GLU B 20 17.42 -0.14 3.33
CA GLU B 20 16.98 1.22 3.05
C GLU B 20 16.67 1.88 4.39
N THR B 21 17.10 3.13 4.57
CA THR B 21 16.97 3.81 5.85
C THR B 21 15.86 4.85 5.82
N PHE B 22 15.11 4.91 6.91
CA PHE B 22 14.06 5.90 7.11
C PHE B 22 14.24 6.46 8.50
N ILE B 23 13.43 7.45 8.84
CA ILE B 23 13.47 8.03 10.16
C ILE B 23 12.71 7.11 11.11
N GLY B 24 13.44 6.44 12.00
CA GLY B 24 12.85 5.59 13.01
C GLY B 24 12.97 4.10 12.74
N PHE B 25 13.32 3.74 11.50
CA PHE B 25 13.48 2.33 11.15
C PHE B 25 14.21 2.17 9.82
N SER B 26 14.57 0.93 9.52
CA SER B 26 15.21 0.60 8.25
C SER B 26 14.58 -0.68 7.72
N PHE B 27 14.81 -0.98 6.44
CA PHE B 27 14.18 -2.12 5.80
C PHE B 27 15.18 -2.91 4.99
N HIS B 28 15.34 -4.18 5.33
CA HIS B 28 16.23 -5.09 4.60
C HIS B 28 15.59 -5.47 3.27
N PHE B 29 16.29 -5.24 2.17
CA PHE B 29 15.80 -5.61 0.84
C PHE B 29 16.75 -6.52 0.07
N CYS B 30 18.00 -6.60 0.51
CA CYS B 30 18.99 -7.48 -0.10
C CYS B 30 20.05 -7.88 0.92
N GLY B 31 20.83 -8.90 0.56
CA GLY B 31 22.01 -9.25 1.31
C GLY B 31 23.23 -8.68 0.63
N ALA B 32 24.38 -8.91 1.25
CA ALA B 32 25.67 -8.49 0.69
C ALA B 32 26.76 -9.22 1.48
N SER B 33 28.00 -9.19 0.96
CA SER B 33 29.14 -9.86 1.58
C SER B 33 30.29 -8.90 1.83
N ILE B 34 30.99 -9.07 2.94
CA ILE B 34 32.15 -8.23 3.23
C ILE B 34 33.35 -8.64 2.38
N TYR B 35 33.87 -7.68 1.60
CA TYR B 35 35.10 -7.90 0.84
C TYR B 35 36.31 -7.35 1.59
N ASN B 36 36.24 -6.09 1.98
CA ASN B 36 37.22 -5.54 2.91
C ASN B 36 36.55 -4.55 3.86
N GLU B 37 37.34 -3.83 4.63
CA GLU B 37 36.80 -2.95 5.66
C GLU B 37 35.96 -1.81 5.08
N ASN B 38 36.15 -1.50 3.79
CA ASN B 38 35.49 -0.37 3.14
C ASN B 38 34.51 -0.77 2.03
N TYR B 39 34.47 -2.05 1.69
CA TYR B 39 33.72 -2.51 0.53
C TYR B 39 32.92 -3.78 0.77
N ALA B 40 31.70 -3.77 0.26
CA ALA B 40 30.84 -4.94 0.26
C ALA B 40 30.49 -5.36 -1.17
N ILE B 41 30.21 -6.64 -1.36
CA ILE B 41 29.81 -7.18 -2.65
C ILE B 41 28.32 -7.55 -2.62
N THR B 42 27.58 -7.11 -3.61
CA THR B 42 26.17 -7.45 -3.71
C THR B 42 25.79 -7.69 -5.18
N ALA B 43 24.52 -7.99 -5.45
CA ALA B 43 24.05 -8.21 -6.83
C ALA B 43 23.83 -6.88 -7.51
N GLY B 44 23.87 -6.88 -8.83
CA GLY B 44 23.65 -5.66 -9.58
C GLY B 44 22.21 -5.18 -9.55
N HIS B 45 21.27 -6.09 -9.60
CA HIS B 45 19.86 -5.70 -9.59
C HIS B 45 19.42 -5.16 -8.22
N CYS B 46 20.23 -5.40 -7.19
CA CYS B 46 19.97 -4.81 -5.88
C CYS B 46 20.17 -3.28 -5.88
N VAL B 47 20.94 -2.77 -6.83
CA VAL B 47 21.28 -1.34 -6.86
C VAL B 47 20.87 -0.64 -8.16
N TYR B 48 20.46 -1.42 -9.15
CA TYR B 48 20.12 -0.88 -10.46
C TYR B 48 19.08 0.23 -10.37
N GLY B 49 19.41 1.39 -10.94
CA GLY B 49 18.53 2.53 -10.93
C GLY B 49 18.79 3.51 -9.80
N ASP B 50 19.67 3.15 -8.87
CA ASP B 50 20.04 4.05 -7.78
C ASP B 50 20.89 5.20 -8.31
N ASP B 51 21.08 6.22 -7.46
CA ASP B 51 22.05 7.29 -7.73
C ASP B 51 23.40 6.77 -7.29
N TYR B 52 24.18 6.24 -8.24
CA TYR B 52 25.39 5.50 -7.91
C TYR B 52 26.46 6.34 -7.23
N GLU B 53 26.64 7.57 -7.70
CA GLU B 53 27.69 8.44 -7.18
C GLU B 53 27.28 9.10 -5.85
N ASN B 54 25.99 9.35 -5.68
CA ASN B 54 25.49 10.02 -4.47
C ASN B 54 24.28 9.32 -3.87
N PRO B 55 24.42 8.02 -3.57
CA PRO B 55 23.30 7.23 -3.05
C PRO B 55 22.83 7.79 -1.71
N SER B 56 21.53 7.82 -1.48
CA SER B 56 20.99 8.31 -0.23
C SER B 56 20.06 7.27 0.38
N GLY B 57 20.04 7.22 1.71
CA GLY B 57 19.11 6.38 2.42
C GLY B 57 19.42 4.89 2.31
N LEU B 58 20.71 4.58 2.15
CA LEU B 58 21.16 3.19 2.08
C LEU B 58 22.24 2.90 3.11
N GLN B 59 22.17 1.74 3.74
CA GLN B 59 23.19 1.31 4.69
C GLN B 59 23.39 -0.20 4.66
N ILE B 60 24.55 -0.64 5.13
CA ILE B 60 24.77 -2.05 5.41
C ILE B 60 24.86 -2.23 6.92
N VAL B 61 24.47 -3.41 7.38
CA VAL B 61 24.64 -3.80 8.76
C VAL B 61 25.47 -5.08 8.83
N ALA B 62 26.57 -5.02 9.57
CA ALA B 62 27.44 -6.17 9.77
C ALA B 62 27.28 -6.63 11.21
N GLY B 63 27.66 -7.87 11.50
CA GLY B 63 27.53 -8.40 12.85
C GLY B 63 26.09 -8.61 13.25
N GLU B 64 25.20 -8.71 12.27
CA GLU B 64 23.77 -8.90 12.54
C GLU B 64 23.44 -10.39 12.55
N LEU B 65 22.46 -10.78 13.37
CA LEU B 65 21.98 -12.16 13.39
C LEU B 65 20.47 -12.18 13.54
N ASP B 66 20.03 -11.67 14.69
CA ASP B 66 18.62 -11.58 15.01
C ASP B 66 18.21 -10.11 14.95
N MET B 67 17.33 -9.78 14.00
CA MET B 67 16.88 -8.40 13.82
C MET B 67 15.87 -7.94 14.89
N SER B 68 15.46 -8.83 15.77
CA SER B 68 14.50 -8.48 16.82
C SER B 68 15.19 -8.07 18.12
N VAL B 69 16.53 -8.11 18.14
CA VAL B 69 17.27 -7.82 19.35
C VAL B 69 18.61 -7.18 19.05
N ASN B 70 19.04 -6.28 19.92
CA ASN B 70 20.37 -5.68 19.82
C ASN B 70 21.42 -6.51 20.56
N GLU B 71 22.25 -7.21 19.79
CA GLU B 71 23.18 -8.19 20.34
C GLU B 71 24.56 -7.60 20.62
N GLY B 72 24.72 -6.32 20.33
CA GLY B 72 25.95 -5.58 20.64
C GLY B 72 27.06 -5.72 19.62
N SER B 73 26.85 -6.59 18.64
CA SER B 73 27.85 -6.86 17.60
C SER B 73 27.59 -6.05 16.34
N GLU B 74 26.41 -5.42 16.26
CA GLU B 74 26.00 -4.80 15.01
C GLU B 74 26.80 -3.55 14.69
N GLN B 75 27.26 -3.47 13.44
CA GLN B 75 27.89 -2.26 12.91
C GLN B 75 27.06 -1.77 11.74
N ILE B 76 26.56 -0.54 11.86
CA ILE B 76 25.70 0.07 10.86
C ILE B 76 26.44 1.21 10.19
N ILE B 77 26.64 1.09 8.88
CA ILE B 77 27.41 2.08 8.12
C ILE B 77 26.69 2.39 6.82
N THR B 78 26.50 3.68 6.52
CA THR B 78 25.82 4.07 5.29
C THR B 78 26.69 3.81 4.06
N VAL B 79 26.05 3.65 2.91
CA VAL B 79 26.75 3.47 1.64
C VAL B 79 27.00 4.85 1.03
N SER B 80 28.24 5.12 0.66
CA SER B 80 28.62 6.42 0.11
C SER B 80 28.72 6.42 -1.42
N LYS B 81 29.02 5.26 -2.00
CA LYS B 81 29.09 5.15 -3.44
C LYS B 81 28.79 3.72 -3.87
N ILE B 82 28.13 3.58 -5.02
CA ILE B 82 27.83 2.27 -5.59
C ILE B 82 28.59 2.11 -6.89
N ILE B 83 29.27 0.96 -7.04
CA ILE B 83 29.94 0.63 -8.29
C ILE B 83 29.22 -0.54 -8.96
N LEU B 84 28.33 -0.22 -9.89
CA LEU B 84 27.62 -1.23 -10.68
C LEU B 84 28.49 -1.66 -11.85
N HIS B 85 28.53 -2.97 -12.11
CA HIS B 85 29.34 -3.49 -13.20
C HIS B 85 28.99 -2.75 -14.49
N GLU B 86 30.02 -2.21 -15.14
CA GLU B 86 29.83 -1.36 -16.32
C GLU B 86 29.11 -2.08 -17.46
N ASN B 87 29.18 -3.40 -17.46
CA ASN B 87 28.53 -4.20 -18.48
C ASN B 87 27.32 -4.96 -17.93
N PHE B 88 26.75 -4.46 -16.85
CA PHE B 88 25.53 -5.02 -16.31
C PHE B 88 24.43 -4.96 -17.38
N ASP B 89 23.76 -6.09 -17.61
CA ASP B 89 22.65 -6.16 -18.56
C ASP B 89 21.38 -6.54 -17.81
N TYR B 90 20.49 -5.57 -17.68
CA TYR B 90 19.30 -5.69 -16.86
C TYR B 90 18.33 -6.76 -17.38
N ASN B 91 18.28 -6.96 -18.69
CA ASN B 91 17.33 -7.92 -19.25
C ASN B 91 17.85 -9.35 -19.22
N LEU B 92 19.16 -9.51 -19.38
CA LEU B 92 19.77 -10.84 -19.40
C LEU B 92 20.34 -11.22 -18.05
N LEU B 93 20.40 -10.25 -17.14
CA LEU B 93 21.06 -10.42 -15.84
C LEU B 93 22.51 -10.86 -16.00
N ASP B 94 23.15 -10.39 -17.07
CA ASP B 94 24.57 -10.64 -17.28
C ASP B 94 25.36 -9.68 -16.39
N ASN B 95 26.49 -10.13 -15.87
CA ASN B 95 27.34 -9.33 -14.99
C ASN B 95 26.56 -8.72 -13.82
N ASP B 96 25.71 -9.55 -13.20
CA ASP B 96 24.85 -9.13 -12.11
C ASP B 96 25.63 -9.02 -10.80
N ILE B 97 26.43 -7.97 -10.69
CA ILE B 97 27.26 -7.74 -9.52
C ILE B 97 27.49 -6.25 -9.32
N SER B 98 27.63 -5.83 -8.07
CA SER B 98 28.04 -4.46 -7.76
C SER B 98 28.84 -4.41 -6.47
N LEU B 99 29.57 -3.31 -6.30
CA LEU B 99 30.28 -3.04 -5.05
C LEU B 99 29.63 -1.87 -4.35
N LEU B 100 29.60 -1.94 -3.03
CA LEU B 100 29.15 -0.85 -2.18
C LEU B 100 30.35 -0.31 -1.42
N LYS B 101 30.72 0.94 -1.68
CA LYS B 101 31.75 1.59 -0.87
C LYS B 101 31.05 2.16 0.36
N LEU B 102 31.64 1.93 1.53
CA LEU B 102 31.02 2.38 2.79
C LEU B 102 31.58 3.74 3.19
N SER B 103 30.78 4.53 3.90
CA SER B 103 31.21 5.88 4.32
C SER B 103 32.14 5.83 5.53
N GLY B 104 32.30 4.64 6.09
CA GLY B 104 33.23 4.43 7.19
C GLY B 104 33.79 3.02 7.09
N SER B 105 34.75 2.70 7.94
CA SER B 105 35.39 1.39 7.91
C SER B 105 34.79 0.46 8.95
N LEU B 106 34.52 -0.78 8.54
CA LEU B 106 34.15 -1.83 9.46
C LEU B 106 35.33 -2.20 10.36
N THR B 107 35.05 -2.58 11.60
CA THR B 107 36.06 -3.14 12.50
C THR B 107 35.89 -4.65 12.53
N PHE B 108 36.95 -5.37 12.20
CA PHE B 108 36.88 -6.83 12.11
C PHE B 108 37.11 -7.51 13.46
N ASN B 109 36.28 -8.53 13.74
CA ASN B 109 36.37 -9.30 14.97
C ASN B 109 35.79 -10.70 14.71
N ASP B 110 35.40 -11.41 15.77
CA ASP B 110 34.87 -12.76 15.60
C ASP B 110 33.54 -12.77 14.87
N ASN B 111 32.81 -11.65 14.93
CA ASN B 111 31.46 -11.58 14.38
C ASN B 111 31.40 -10.84 13.05
N VAL B 112 32.47 -10.12 12.72
CA VAL B 112 32.52 -9.32 11.50
C VAL B 112 33.88 -9.51 10.83
N ALA B 113 33.87 -10.10 9.64
CA ALA B 113 35.11 -10.37 8.93
C ALA B 113 34.84 -10.57 7.45
N PRO B 114 35.84 -10.29 6.60
CA PRO B 114 35.65 -10.47 5.17
C PRO B 114 35.60 -11.95 4.78
N ILE B 115 35.05 -12.21 3.60
CA ILE B 115 35.11 -13.54 3.02
C ILE B 115 36.10 -13.52 1.86
N ALA B 116 36.92 -14.56 1.76
CA ALA B 116 37.92 -14.63 0.72
C ALA B 116 37.29 -14.89 -0.63
N LEU B 117 37.89 -14.33 -1.68
CA LEU B 117 37.49 -14.61 -3.05
C LEU B 117 38.23 -15.86 -3.54
N PRO B 118 37.66 -16.56 -4.53
CA PRO B 118 38.39 -17.62 -5.22
C PRO B 118 39.37 -17.03 -6.22
N GLU B 119 40.22 -17.87 -6.80
CA GLU B 119 41.07 -17.43 -7.89
C GLU B 119 40.19 -17.26 -9.12
N GLN B 120 40.50 -16.25 -9.93
CA GLN B 120 39.79 -16.02 -11.19
C GLN B 120 39.71 -17.32 -11.98
N GLY B 121 38.53 -17.61 -12.54
CA GLY B 121 38.35 -18.78 -13.39
C GLY B 121 38.09 -20.08 -12.64
N HIS B 122 38.36 -20.11 -11.34
CA HIS B 122 38.18 -21.31 -10.55
C HIS B 122 36.73 -21.78 -10.53
N THR B 123 36.53 -23.08 -10.71
CA THR B 123 35.19 -23.67 -10.66
C THR B 123 34.92 -24.29 -9.29
N ALA B 124 33.83 -23.85 -8.65
CA ALA B 124 33.43 -24.40 -7.36
C ALA B 124 32.79 -25.76 -7.54
N THR B 125 32.90 -26.61 -6.52
CA THR B 125 32.34 -27.96 -6.55
C THR B 125 31.75 -28.36 -5.20
N GLY B 126 30.86 -29.36 -5.23
CA GLY B 126 30.34 -29.94 -4.00
C GLY B 126 29.28 -29.08 -3.33
N ASP B 127 29.14 -29.25 -2.02
CA ASP B 127 28.11 -28.57 -1.26
C ASP B 127 28.52 -27.14 -0.91
N VAL B 128 27.55 -26.24 -0.96
CA VAL B 128 27.78 -24.83 -0.66
C VAL B 128 26.75 -24.33 0.32
N ILE B 129 27.09 -23.26 1.05
CA ILE B 129 26.22 -22.71 2.08
C ILE B 129 25.71 -21.33 1.68
N VAL B 130 24.40 -21.22 1.51
CA VAL B 130 23.76 -19.94 1.19
C VAL B 130 23.03 -19.43 2.42
N THR B 131 23.17 -18.13 2.66
CA THR B 131 22.64 -17.49 3.88
C THR B 131 21.94 -16.16 3.58
N GLY B 132 21.04 -15.75 4.50
CA GLY B 132 20.32 -14.50 4.33
C GLY B 132 19.02 -14.42 5.12
N TRP B 133 18.39 -13.25 5.04
CA TRP B 133 17.14 -12.99 5.74
C TRP B 133 15.98 -12.93 4.74
N GLY B 134 16.12 -13.61 3.60
CA GLY B 134 15.05 -13.67 2.62
C GLY B 134 13.85 -14.44 3.14
N THR B 135 12.78 -14.49 2.34
CA THR B 135 11.57 -15.21 2.74
C THR B 135 11.84 -16.71 2.90
N THR B 136 11.09 -17.33 3.80
CA THR B 136 11.30 -18.75 4.15
C THR B 136 10.38 -19.66 3.33
N SER B 137 9.55 -19.06 2.50
CA SER B 137 8.75 -19.80 1.52
C SER B 137 8.48 -18.85 0.37
N GLU B 138 8.20 -19.41 -0.80
CA GLU B 138 7.92 -18.59 -1.98
C GLU B 138 6.73 -17.67 -1.70
N GLY B 139 7.00 -16.36 -1.72
CA GLY B 139 5.97 -15.36 -1.50
C GLY B 139 5.50 -15.26 -0.06
N GLY B 140 6.37 -15.67 0.87
CA GLY B 140 5.99 -15.70 2.27
C GLY B 140 6.56 -14.54 3.09
N ASN B 141 6.85 -14.84 4.34
CA ASN B 141 7.36 -13.88 5.31
C ASN B 141 8.87 -14.02 5.50
N THR B 142 9.52 -13.01 6.09
CA THR B 142 10.96 -13.06 6.36
C THR B 142 11.24 -13.32 7.83
N PRO B 143 12.35 -14.01 8.13
CA PRO B 143 12.68 -14.37 9.51
C PRO B 143 13.50 -13.30 10.22
N ASP B 144 13.32 -13.16 11.52
CA ASP B 144 14.15 -12.26 12.30
C ASP B 144 15.58 -12.77 12.36
N VAL B 145 15.74 -14.09 12.40
CA VAL B 145 17.05 -14.72 12.60
C VAL B 145 17.63 -15.19 11.27
N LEU B 146 18.88 -14.80 11.02
CA LEU B 146 19.62 -15.19 9.82
C LEU B 146 19.49 -16.70 9.57
N GLN B 147 19.23 -17.05 8.33
CA GLN B 147 19.05 -18.45 7.95
C GLN B 147 20.23 -18.95 7.14
N LYS B 148 20.52 -20.25 7.28
CA LYS B 148 21.53 -20.92 6.47
C LYS B 148 20.93 -22.16 5.83
N VAL B 149 21.43 -22.51 4.65
CA VAL B 149 21.03 -23.75 4.01
C VAL B 149 22.20 -24.30 3.21
N THR B 150 22.36 -25.62 3.24
CA THR B 150 23.40 -26.29 2.48
C THR B 150 22.78 -27.00 1.29
N VAL B 151 23.34 -26.75 0.11
CA VAL B 151 22.82 -27.34 -1.12
C VAL B 151 23.96 -27.70 -2.05
N PRO B 152 23.78 -28.77 -2.83
CA PRO B 152 24.82 -29.17 -3.77
C PRO B 152 24.85 -28.25 -4.98
N LEU B 153 26.04 -27.90 -5.45
CA LEU B 153 26.19 -27.14 -6.68
C LEU B 153 25.70 -27.98 -7.86
N VAL B 154 25.19 -27.31 -8.89
CA VAL B 154 24.70 -27.96 -10.08
C VAL B 154 25.49 -27.45 -11.30
N SER B 155 25.86 -28.36 -12.19
CA SER B 155 26.60 -27.98 -13.39
C SER B 155 25.75 -27.09 -14.29
N ASP B 156 26.43 -26.31 -15.15
CA ASP B 156 25.74 -25.46 -16.10
C ASP B 156 24.80 -26.27 -16.98
N GLU B 157 25.30 -27.34 -17.58
CA GLU B 157 24.50 -28.11 -18.52
C GLU B 157 23.24 -28.69 -17.88
N ASP B 158 23.35 -29.15 -16.63
CA ASP B 158 22.18 -29.65 -15.93
C ASP B 158 21.23 -28.50 -15.66
N CYS B 159 21.78 -27.34 -15.31
CA CYS B 159 20.97 -26.17 -15.01
C CYS B 159 20.29 -25.66 -16.27
N ARG B 160 20.96 -25.82 -17.40
CA ARG B 160 20.41 -25.39 -18.68
C ARG B 160 19.33 -26.35 -19.13
N ALA B 161 19.46 -27.62 -18.77
CA ALA B 161 18.43 -28.60 -19.04
C ALA B 161 17.15 -28.24 -18.29
N ASP B 162 17.32 -27.48 -17.21
CA ASP B 162 16.19 -27.06 -16.38
C ASP B 162 15.54 -25.78 -16.89
N TYR B 163 16.36 -24.78 -17.19
CA TYR B 163 15.87 -23.45 -17.55
C TYR B 163 15.89 -23.14 -19.05
N GLY B 164 16.87 -23.69 -19.75
CA GLY B 164 17.10 -23.37 -21.15
C GLY B 164 18.54 -22.93 -21.36
N ALA B 165 19.10 -23.22 -22.52
CA ALA B 165 20.53 -23.03 -22.76
C ALA B 165 20.96 -21.55 -22.75
N ASP B 166 20.13 -20.68 -23.30
CA ASP B 166 20.46 -19.27 -23.41
C ASP B 166 20.08 -18.48 -22.16
N GLU B 167 19.36 -19.14 -21.25
CA GLU B 167 18.88 -18.49 -20.04
C GLU B 167 19.93 -18.58 -18.92
N ILE B 168 20.86 -19.54 -19.04
CA ILE B 168 21.95 -19.67 -18.08
C ILE B 168 23.28 -19.33 -18.75
N LEU B 169 23.85 -18.18 -18.37
CA LEU B 169 25.11 -17.74 -18.93
C LEU B 169 26.28 -18.46 -18.25
N ASP B 170 27.44 -18.43 -18.89
CA ASP B 170 28.63 -19.10 -18.39
C ASP B 170 29.02 -18.57 -17.01
N SER B 171 28.83 -17.27 -16.82
CA SER B 171 29.21 -16.61 -15.58
C SER B 171 28.14 -16.74 -14.49
N MET B 172 27.22 -17.68 -14.66
CA MET B 172 26.22 -17.99 -13.65
C MET B 172 26.49 -19.38 -13.08
N ILE B 173 26.18 -19.59 -11.80
CA ILE B 173 26.31 -20.92 -11.21
C ILE B 173 24.99 -21.26 -10.50
N CYS B 174 24.63 -22.54 -10.54
CA CYS B 174 23.37 -22.99 -9.96
C CYS B 174 23.58 -23.90 -8.77
N ALA B 175 22.59 -23.92 -7.89
CA ALA B 175 22.65 -24.72 -6.67
C ALA B 175 21.27 -25.07 -6.16
N GLY B 176 21.11 -26.30 -5.68
CA GLY B 176 19.85 -26.79 -5.15
C GLY B 176 19.72 -28.29 -5.32
N VAL B 177 18.74 -28.89 -4.64
CA VAL B 177 18.49 -30.33 -4.73
C VAL B 177 17.36 -30.59 -5.73
N PRO B 178 17.39 -31.75 -6.40
CA PRO B 178 16.41 -32.00 -7.46
C PRO B 178 14.97 -32.08 -6.95
N GLU B 179 14.78 -32.49 -5.70
CA GLU B 179 13.44 -32.59 -5.13
C GLU B 179 12.91 -31.23 -4.64
N GLY B 180 13.79 -30.23 -4.66
CA GLY B 180 13.42 -28.89 -4.21
C GLY B 180 13.37 -28.81 -2.70
N GLY B 181 12.84 -27.71 -2.18
CA GLY B 181 12.69 -27.51 -0.75
C GLY B 181 13.81 -26.73 -0.09
N LYS B 182 14.93 -26.58 -0.80
CA LYS B 182 16.09 -25.84 -0.28
C LYS B 182 16.59 -24.85 -1.33
N ASP B 183 16.54 -23.55 -0.99
CA ASP B 183 16.86 -22.51 -1.96
C ASP B 183 17.00 -21.16 -1.29
N SER B 184 17.52 -20.20 -2.04
CA SER B 184 17.46 -18.80 -1.65
C SER B 184 16.18 -18.22 -2.25
N CYS B 185 15.68 -17.15 -1.64
CA CYS B 185 14.40 -16.56 -2.05
C CYS B 185 14.44 -15.03 -1.97
N GLN B 186 13.29 -14.38 -2.19
CA GLN B 186 13.23 -12.93 -2.22
C GLN B 186 13.73 -12.33 -0.92
N GLY B 187 14.71 -11.43 -1.03
CA GLY B 187 15.36 -10.85 0.13
C GLY B 187 16.74 -11.43 0.39
N ASP B 188 17.08 -12.51 -0.32
CA ASP B 188 18.42 -13.10 -0.23
C ASP B 188 19.37 -12.57 -1.30
N SER B 189 18.83 -11.93 -2.35
CA SER B 189 19.65 -11.40 -3.46
C SER B 189 20.83 -10.59 -2.96
N GLY B 190 21.97 -10.76 -3.62
CA GLY B 190 23.18 -10.04 -3.25
C GLY B 190 23.95 -10.73 -2.15
N GLY B 191 23.31 -11.68 -1.47
CA GLY B 191 23.93 -12.40 -0.38
C GLY B 191 24.88 -13.50 -0.85
N PRO B 192 25.63 -14.08 0.09
CA PRO B 192 26.71 -15.03 -0.22
C PRO B 192 26.28 -16.49 -0.46
N LEU B 193 26.84 -17.07 -1.51
CA LEU B 193 26.92 -18.52 -1.63
C LEU B 193 28.37 -18.91 -1.38
N ALA B 194 28.62 -19.67 -0.31
CA ALA B 194 29.98 -19.97 0.11
C ALA B 194 30.37 -21.43 -0.18
N ALA B 195 31.51 -21.60 -0.85
CA ALA B 195 32.05 -22.93 -1.17
C ALA B 195 33.28 -23.21 -0.33
N SER B 196 33.73 -24.47 -0.35
CA SER B 196 34.85 -24.90 0.48
C SER B 196 35.68 -26.03 -0.18
N ASP B 197 35.55 -26.18 -1.49
CA ASP B 197 36.22 -27.27 -2.20
C ASP B 197 37.74 -27.16 -2.19
N THR B 198 38.25 -26.01 -1.75
CA THR B 198 39.70 -25.77 -1.70
C THR B 198 40.27 -25.95 -0.29
N GLY B 199 39.43 -26.44 0.64
CA GLY B 199 39.85 -26.64 2.01
C GLY B 199 39.70 -25.41 2.87
N SER B 200 39.29 -24.29 2.25
CA SER B 200 38.99 -23.05 2.95
C SER B 200 37.68 -22.47 2.41
N THR B 201 36.98 -21.69 3.24
CA THR B 201 35.73 -21.04 2.84
C THR B 201 36.00 -19.84 1.93
N TYR B 202 35.28 -19.79 0.81
CA TYR B 202 35.38 -18.65 -0.10
C TYR B 202 34.04 -18.33 -0.74
N LEU B 203 33.95 -17.15 -1.33
CA LEU B 203 32.72 -16.68 -1.94
C LEU B 203 32.60 -17.17 -3.37
N ALA B 204 31.73 -18.16 -3.59
CA ALA B 204 31.58 -18.77 -4.91
C ALA B 204 30.47 -18.11 -5.72
N GLY B 205 29.43 -17.64 -5.03
CA GLY B 205 28.27 -17.09 -5.71
C GLY B 205 27.55 -15.97 -5.00
N ILE B 206 26.79 -15.21 -5.79
CA ILE B 206 25.92 -14.14 -5.30
C ILE B 206 24.50 -14.49 -5.69
N VAL B 207 23.61 -14.54 -4.70
CA VAL B 207 22.21 -14.84 -4.94
C VAL B 207 21.66 -13.89 -5.99
N SER B 208 21.08 -14.45 -7.05
CA SER B 208 20.61 -13.66 -8.17
C SER B 208 19.13 -13.88 -8.52
N TRP B 209 18.80 -15.05 -9.04
CA TRP B 209 17.45 -15.29 -9.53
C TRP B 209 17.10 -16.77 -9.60
N GLY B 210 15.86 -17.04 -10.00
CA GLY B 210 15.41 -18.41 -10.22
C GLY B 210 13.95 -18.39 -10.60
N TYR B 211 13.44 -19.54 -11.03
CA TYR B 211 12.00 -19.68 -11.26
C TYR B 211 11.35 -20.02 -9.93
N GLY B 212 10.74 -19.02 -9.30
CA GLY B 212 10.22 -19.18 -7.96
C GLY B 212 11.36 -19.48 -7.01
N CYS B 213 11.05 -20.16 -5.90
CA CYS B 213 12.04 -20.55 -4.91
C CYS B 213 11.80 -21.99 -4.51
N ALA B 214 12.88 -22.77 -4.45
CA ALA B 214 12.85 -24.12 -3.90
C ALA B 214 11.94 -25.09 -4.67
N ARG B 215 11.68 -24.78 -5.94
CA ARG B 215 10.83 -25.64 -6.76
C ARG B 215 11.63 -26.86 -7.27
N PRO B 216 10.97 -28.02 -7.35
CA PRO B 216 11.66 -29.20 -7.88
C PRO B 216 12.16 -28.96 -9.30
N GLY B 217 13.43 -29.24 -9.54
CA GLY B 217 13.99 -29.15 -10.88
C GLY B 217 14.42 -27.75 -11.28
N TYR B 218 14.16 -26.77 -10.41
CA TYR B 218 14.55 -25.38 -10.67
C TYR B 218 15.45 -24.87 -9.55
N PRO B 219 16.75 -25.21 -9.61
CA PRO B 219 17.68 -24.73 -8.60
C PRO B 219 17.87 -23.23 -8.71
N GLY B 220 18.33 -22.59 -7.64
CA GLY B 220 18.61 -21.17 -7.65
C GLY B 220 19.79 -20.87 -8.56
N VAL B 221 19.74 -19.70 -9.19
CA VAL B 221 20.83 -19.23 -10.06
C VAL B 221 21.59 -18.13 -9.35
N TYR B 222 22.91 -18.14 -9.52
CA TYR B 222 23.80 -17.24 -8.81
C TYR B 222 24.80 -16.63 -9.76
N THR B 223 25.25 -15.42 -9.45
CA THR B 223 26.37 -14.83 -10.18
C THR B 223 27.64 -15.55 -9.73
N GLU B 224 28.41 -16.07 -10.68
CA GLU B 224 29.61 -16.84 -10.35
C GLU B 224 30.78 -15.89 -10.14
N VAL B 225 31.19 -15.77 -8.88
CA VAL B 225 32.19 -14.77 -8.49
C VAL B 225 33.53 -14.96 -9.20
N SER B 226 33.89 -16.22 -9.47
CA SER B 226 35.20 -16.53 -10.08
C SER B 226 35.38 -15.86 -11.44
N TYR B 227 34.27 -15.46 -12.06
CA TYR B 227 34.32 -14.73 -13.32
C TYR B 227 34.61 -13.26 -13.10
N HIS B 228 34.42 -12.78 -11.87
CA HIS B 228 34.50 -11.35 -11.59
C HIS B 228 35.59 -10.98 -10.58
N VAL B 229 36.46 -11.93 -10.26
CA VAL B 229 37.51 -11.69 -9.27
C VAL B 229 38.39 -10.50 -9.66
N ASP B 230 38.91 -10.54 -10.89
CA ASP B 230 39.72 -9.44 -11.39
C ASP B 230 38.92 -8.12 -11.33
N TRP B 231 37.65 -8.18 -11.67
CA TRP B 231 36.84 -6.97 -11.66
C TRP B 231 36.75 -6.38 -10.24
N ILE B 232 36.48 -7.24 -9.27
CA ILE B 232 36.35 -6.80 -7.87
C ILE B 232 37.62 -6.10 -7.41
N LYS B 233 38.75 -6.79 -7.57
CA LYS B 233 40.03 -6.25 -7.13
C LYS B 233 40.34 -4.91 -7.78
N ALA B 234 39.96 -4.76 -9.04
CA ALA B 234 40.24 -3.53 -9.78
C ALA B 234 39.36 -2.37 -9.33
N ASN B 235 38.13 -2.67 -8.93
CA ASN B 235 37.16 -1.62 -8.60
C ASN B 235 37.07 -1.31 -7.10
N ALA B 236 37.42 -2.28 -6.27
CA ALA B 236 37.40 -2.09 -4.82
C ALA B 236 38.64 -1.32 -4.40
N VAL B 237 38.74 -0.07 -4.87
CA VAL B 237 39.90 0.76 -4.63
C VAL B 237 39.47 2.08 -3.99
N ARG C 36 6.46 -6.34 19.14
CA ARG C 36 5.51 -5.73 18.16
C ARG C 36 4.15 -5.58 18.84
N PRO C 37 3.55 -4.38 18.79
CA PRO C 37 2.25 -4.20 19.46
C PRO C 37 1.23 -5.21 18.95
N ASP C 38 0.47 -5.83 19.85
CA ASP C 38 -0.48 -6.87 19.44
C ASP C 38 -1.52 -6.38 18.44
N PHE C 39 -1.87 -5.09 18.50
CA PHE C 39 -2.91 -4.61 17.60
C PHE C 39 -2.45 -4.69 16.14
N CYS C 40 -1.15 -4.74 15.93
CA CYS C 40 -0.58 -4.88 14.59
C CYS C 40 -0.98 -6.21 13.93
N LEU C 41 -1.44 -7.17 14.74
CA LEU C 41 -1.79 -8.49 14.23
C LEU C 41 -3.26 -8.59 13.87
N GLU C 42 -4.04 -7.56 14.15
CA GLU C 42 -5.46 -7.59 13.85
C GLU C 42 -5.73 -7.29 12.37
N PRO C 43 -6.78 -7.92 11.80
CA PRO C 43 -7.13 -7.59 10.42
C PRO C 43 -7.56 -6.14 10.29
N PRO C 44 -7.42 -5.56 9.09
CA PRO C 44 -7.82 -4.15 8.93
C PRO C 44 -9.31 -3.99 9.16
N TYR C 45 -9.70 -2.84 9.70
CA TYR C 45 -11.08 -2.62 10.10
C TYR C 45 -11.65 -1.36 9.46
N THR C 46 -12.52 -1.55 8.48
CA THR C 46 -13.15 -0.44 7.76
C THR C 46 -14.11 0.34 8.68
N GLY C 47 -14.85 -0.39 9.50
CA GLY C 47 -15.81 0.24 10.39
C GLY C 47 -17.13 0.51 9.67
N PRO C 48 -18.14 0.99 10.39
CA PRO C 48 -19.50 1.16 9.87
C PRO C 48 -19.75 2.44 9.05
N CYS C 49 -18.92 3.46 9.20
CA CYS C 49 -19.13 4.71 8.46
C CYS C 49 -18.75 4.56 6.99
N LYS C 50 -19.25 5.48 6.16
CA LYS C 50 -19.26 5.25 4.72
C LYS C 50 -18.42 6.25 3.93
N ALA C 51 -17.34 6.74 4.55
CA ALA C 51 -16.33 7.46 3.77
C ALA C 51 -15.47 6.40 3.08
N ARG C 52 -14.60 6.85 2.17
CA ARG C 52 -13.64 5.98 1.52
C ARG C 52 -12.26 6.61 1.70
N ILE C 53 -11.66 6.34 2.85
CA ILE C 53 -10.38 6.95 3.23
C ILE C 53 -9.30 5.88 3.15
N ILE C 54 -8.25 6.14 2.37
CA ILE C 54 -7.20 5.17 2.18
C ILE C 54 -6.24 5.25 3.36
N ARG C 55 -6.07 4.12 4.04
CA ARG C 55 -5.18 4.04 5.19
C ARG C 55 -4.29 2.83 5.02
N TYR C 56 -3.27 2.74 5.86
CA TYR C 56 -2.35 1.59 5.84
C TYR C 56 -2.56 0.73 7.07
N PHE C 57 -2.37 -0.58 6.88
CA PHE C 57 -2.36 -1.52 7.97
C PHE C 57 -1.19 -2.47 7.81
N TYR C 58 -0.72 -3.00 8.92
CA TYR C 58 0.33 -4.00 8.88
C TYR C 58 -0.26 -5.38 8.66
N ASN C 59 0.24 -6.06 7.62
CA ASN C 59 -0.17 -7.43 7.31
C ASN C 59 0.91 -8.38 7.79
N ALA C 60 0.66 -9.04 8.92
CA ALA C 60 1.66 -9.89 9.56
C ALA C 60 2.06 -11.08 8.70
N LYS C 61 1.10 -11.64 7.97
CA LYS C 61 1.38 -12.80 7.13
C LYS C 61 2.28 -12.39 5.97
N ALA C 62 2.03 -11.22 5.41
CA ALA C 62 2.85 -10.72 4.31
C ALA C 62 4.09 -10.05 4.86
N GLY C 63 4.05 -9.69 6.13
CA GLY C 63 5.16 -9.02 6.78
C GLY C 63 5.38 -7.59 6.31
N LEU C 64 4.34 -6.96 5.75
CA LEU C 64 4.47 -5.61 5.21
C LEU C 64 3.20 -4.80 5.46
N CYS C 65 3.31 -3.49 5.30
CA CYS C 65 2.13 -2.64 5.34
C CYS C 65 1.46 -2.57 3.97
N GLN C 66 0.13 -2.52 4.00
CA GLN C 66 -0.71 -2.58 2.80
C GLN C 66 -1.80 -1.55 2.98
N THR C 67 -2.43 -1.14 1.87
CA THR C 67 -3.49 -0.16 1.93
C THR C 67 -4.84 -0.84 2.14
N PHE C 68 -5.77 -0.09 2.73
CA PHE C 68 -7.15 -0.53 2.85
C PHE C 68 -8.09 0.67 2.95
N VAL C 69 -9.40 0.40 2.92
CA VAL C 69 -10.40 1.45 3.00
C VAL C 69 -10.93 1.57 4.42
N TYR C 70 -10.75 2.76 4.99
CA TYR C 70 -11.30 3.09 6.29
C TYR C 70 -12.56 3.93 6.09
N GLY C 71 -13.62 3.60 6.82
CA GLY C 71 -14.92 4.25 6.63
C GLY C 71 -15.08 5.58 7.33
N GLY C 72 -14.17 5.90 8.24
CA GLY C 72 -14.18 7.21 8.87
C GLY C 72 -14.54 7.24 10.34
N CYS C 73 -14.94 6.10 10.89
CA CYS C 73 -15.20 6.03 12.32
C CYS C 73 -14.90 4.67 12.91
N ARG C 74 -14.67 4.66 14.22
CA ARG C 74 -14.41 3.45 14.99
C ARG C 74 -13.11 2.76 14.57
N ALA C 75 -12.11 3.56 14.20
CA ALA C 75 -10.79 3.03 13.84
C ALA C 75 -10.21 2.18 14.96
N LYS C 76 -9.63 1.04 14.57
CA LYS C 76 -8.73 0.31 15.45
C LYS C 76 -7.32 0.89 15.23
N ARG C 77 -6.34 0.38 15.98
CA ARG C 77 -5.02 1.00 15.96
C ARG C 77 -4.14 0.56 14.80
N ASN C 78 -4.45 -0.56 14.17
CA ASN C 78 -3.74 -0.99 12.96
C ASN C 78 -4.32 -0.21 11.76
N ASN C 79 -4.05 1.08 11.78
CA ASN C 79 -4.69 2.04 10.88
C ASN C 79 -3.83 3.29 10.84
N PHE C 80 -3.12 3.48 9.73
CA PHE C 80 -2.10 4.51 9.64
C PHE C 80 -2.30 5.38 8.43
N LYS C 81 -1.81 6.61 8.54
CA LYS C 81 -1.96 7.56 7.45
C LYS C 81 -0.90 7.37 6.36
N SER C 82 0.18 6.64 6.67
CA SER C 82 1.25 6.44 5.71
C SER C 82 1.90 5.09 5.91
N ALA C 83 2.56 4.61 4.86
CA ALA C 83 3.28 3.35 4.94
C ALA C 83 4.39 3.46 5.97
N GLU C 84 4.96 4.65 6.06
CA GLU C 84 6.10 4.88 6.96
C GLU C 84 5.67 4.80 8.44
N ASP C 85 4.56 5.45 8.77
CA ASP C 85 4.02 5.37 10.13
C ASP C 85 3.73 3.93 10.50
N CYS C 86 3.12 3.21 9.56
CA CYS C 86 2.77 1.82 9.76
C CYS C 86 4.01 0.96 10.04
N MET C 87 5.01 1.07 9.18
CA MET C 87 6.20 0.23 9.32
C MET C 87 7.00 0.57 10.58
N ARG C 88 7.01 1.85 10.94
CA ARG C 88 7.67 2.27 12.16
C ARG C 88 6.96 1.69 13.38
N THR C 89 5.64 1.81 13.42
CA THR C 89 4.85 1.33 14.54
C THR C 89 4.81 -0.19 14.64
N CYS C 90 4.57 -0.85 13.51
CA CYS C 90 4.25 -2.28 13.50
C CYS C 90 5.31 -3.18 12.88
N GLY C 91 6.22 -2.61 12.10
CA GLY C 91 7.14 -3.39 11.29
C GLY C 91 8.09 -4.28 12.06
N GLY C 92 8.72 -3.72 13.08
CA GLY C 92 9.74 -4.44 13.83
C GLY C 92 9.19 -5.48 14.76
N ALA C 93 10.02 -6.48 15.08
CA ALA C 93 9.61 -7.55 15.97
C ALA C 93 9.30 -7.01 17.37
N ILE C 94 9.83 -5.97 17.77
N ARG D 36 -7.59 5.26 -17.25
CA ARG D 36 -6.24 4.82 -16.83
C ARG D 36 -5.74 3.87 -17.90
N PRO D 37 -4.42 3.73 -18.02
CA PRO D 37 -3.87 2.77 -18.99
C PRO D 37 -4.26 1.32 -18.68
N ASP D 38 -4.42 0.49 -19.71
CA ASP D 38 -4.78 -0.91 -19.50
C ASP D 38 -3.75 -1.70 -18.72
N PHE D 39 -2.49 -1.29 -18.74
CA PHE D 39 -1.46 -2.00 -17.98
C PHE D 39 -1.71 -1.90 -16.47
N CYS D 40 -2.51 -0.92 -16.06
CA CYS D 40 -2.85 -0.75 -14.65
C CYS D 40 -3.75 -1.89 -14.18
N LEU D 41 -4.29 -2.64 -15.12
CA LEU D 41 -5.21 -3.73 -14.80
C LEU D 41 -4.50 -5.07 -14.66
N GLU D 42 -3.20 -5.09 -14.89
CA GLU D 42 -2.45 -6.34 -14.85
C GLU D 42 -2.08 -6.69 -13.41
N PRO D 43 -2.10 -7.99 -13.07
CA PRO D 43 -1.68 -8.38 -11.73
C PRO D 43 -0.23 -7.97 -11.48
N PRO D 44 0.16 -7.80 -10.21
CA PRO D 44 1.55 -7.44 -9.87
C PRO D 44 2.52 -8.57 -10.19
N TYR D 45 3.72 -8.22 -10.62
CA TYR D 45 4.70 -9.20 -11.08
C TYR D 45 6.00 -9.07 -10.28
N THR D 46 6.28 -10.05 -9.44
CA THR D 46 7.49 -10.07 -8.63
C THR D 46 8.73 -10.30 -9.50
N GLY D 47 8.59 -11.16 -10.51
CA GLY D 47 9.72 -11.51 -11.36
C GLY D 47 10.63 -12.53 -10.72
N PRO D 48 11.68 -12.96 -11.43
CA PRO D 48 12.55 -14.08 -11.03
C PRO D 48 13.66 -13.69 -10.06
N CYS D 49 14.04 -12.42 -10.02
CA CYS D 49 15.15 -12.01 -9.17
C CYS D 49 14.73 -12.02 -7.71
N LYS D 50 15.69 -12.01 -6.80
CA LYS D 50 15.42 -12.35 -5.40
C LYS D 50 15.74 -11.24 -4.41
N ALA D 51 15.57 -9.99 -4.83
CA ALA D 51 15.57 -8.89 -3.88
C ALA D 51 14.19 -8.88 -3.26
N ARG D 52 14.02 -8.11 -2.20
CA ARG D 52 12.72 -7.89 -1.59
C ARG D 52 12.46 -6.39 -1.56
N ILE D 53 12.13 -5.85 -2.73
CA ILE D 53 11.93 -4.41 -2.90
C ILE D 53 10.43 -4.09 -2.89
N ILE D 54 10.02 -3.21 -1.99
CA ILE D 54 8.60 -2.87 -1.88
C ILE D 54 8.23 -1.86 -2.95
N ARG D 55 7.30 -2.24 -3.80
CA ARG D 55 6.81 -1.38 -4.87
C ARG D 55 5.31 -1.29 -4.79
N TYR D 56 4.73 -0.38 -5.55
CA TYR D 56 3.28 -0.20 -5.59
C TYR D 56 2.70 -0.67 -6.92
N PHE D 57 1.49 -1.19 -6.87
CA PHE D 57 0.75 -1.51 -8.07
C PHE D 57 -0.70 -1.11 -7.90
N TYR D 58 -1.35 -0.80 -9.02
CA TYR D 58 -2.76 -0.48 -8.98
C TYR D 58 -3.57 -1.77 -8.99
N ASN D 59 -4.36 -1.93 -7.94
CA ASN D 59 -5.27 -3.05 -7.83
C ASN D 59 -6.65 -2.61 -8.29
N ALA D 60 -7.00 -2.96 -9.52
CA ALA D 60 -8.26 -2.50 -10.13
C ALA D 60 -9.49 -3.03 -9.43
N LYS D 61 -9.44 -4.26 -8.93
CA LYS D 61 -10.60 -4.84 -8.26
C LYS D 61 -10.92 -4.06 -6.99
N ALA D 62 -9.88 -3.75 -6.22
CA ALA D 62 -10.05 -3.00 -4.97
C ALA D 62 -10.11 -1.49 -5.23
N GLY D 63 -9.64 -1.07 -6.40
CA GLY D 63 -9.65 0.34 -6.76
C GLY D 63 -8.67 1.13 -5.91
N LEU D 64 -7.48 0.57 -5.73
CA LEU D 64 -6.51 1.07 -4.77
C LEU D 64 -5.10 0.81 -5.27
N CYS D 65 -4.17 1.73 -4.99
CA CYS D 65 -2.76 1.41 -5.13
C CYS D 65 -2.33 0.64 -3.88
N GLN D 66 -1.64 -0.48 -4.10
CA GLN D 66 -1.28 -1.41 -3.04
C GLN D 66 0.20 -1.77 -3.13
N THR D 67 0.77 -2.21 -2.02
CA THR D 67 2.16 -2.63 -2.02
C THR D 67 2.32 -4.08 -2.48
N PHE D 68 3.48 -4.40 -3.02
CA PHE D 68 3.84 -5.77 -3.34
C PHE D 68 5.36 -5.91 -3.37
N VAL D 69 5.84 -7.15 -3.38
CA VAL D 69 7.27 -7.43 -3.43
C VAL D 69 7.74 -7.56 -4.88
N TYR D 70 8.70 -6.72 -5.25
CA TYR D 70 9.36 -6.78 -6.54
C TYR D 70 10.74 -7.39 -6.33
N GLY D 71 11.11 -8.33 -7.20
CA GLY D 71 12.35 -9.09 -7.02
C GLY D 71 13.59 -8.39 -7.54
N GLY D 72 13.41 -7.33 -8.31
CA GLY D 72 14.53 -6.50 -8.73
C GLY D 72 14.82 -6.52 -10.22
N CYS D 73 14.18 -7.40 -10.97
CA CYS D 73 14.35 -7.42 -12.42
C CYS D 73 13.06 -7.82 -13.13
N ARG D 74 12.96 -7.39 -14.39
CA ARG D 74 11.86 -7.76 -15.28
C ARG D 74 10.53 -7.11 -14.89
N ALA D 75 10.61 -5.94 -14.27
CA ALA D 75 9.41 -5.18 -13.92
C ALA D 75 8.46 -5.03 -15.10
N LYS D 76 7.17 -5.17 -14.82
CA LYS D 76 6.14 -4.77 -15.75
C LYS D 76 5.75 -3.32 -15.46
N ARG D 77 4.84 -2.76 -16.26
CA ARG D 77 4.52 -1.33 -16.15
C ARG D 77 3.75 -0.99 -14.87
N ASN D 78 2.96 -1.93 -14.36
CA ASN D 78 2.19 -1.70 -13.13
C ASN D 78 3.12 -1.94 -11.94
N ASN D 79 4.10 -1.06 -11.80
CA ASN D 79 5.16 -1.21 -10.82
C ASN D 79 5.75 0.17 -10.57
N PHE D 80 5.50 0.72 -9.39
CA PHE D 80 5.88 2.08 -9.05
C PHE D 80 6.67 2.17 -7.74
N LYS D 81 7.56 3.14 -7.68
CA LYS D 81 8.44 3.32 -6.52
C LYS D 81 7.76 4.04 -5.38
N SER D 82 6.60 4.65 -5.64
CA SER D 82 5.83 5.32 -4.60
C SER D 82 4.33 5.22 -4.85
N ALA D 83 3.56 5.41 -3.78
CA ALA D 83 2.11 5.42 -3.89
C ALA D 83 1.69 6.58 -4.78
N GLU D 84 2.41 7.69 -4.67
CA GLU D 84 2.09 8.89 -5.44
C GLU D 84 2.28 8.65 -6.94
N ASP D 85 3.41 8.05 -7.31
CA ASP D 85 3.65 7.67 -8.71
C ASP D 85 2.52 6.77 -9.23
N CYS D 86 2.10 5.82 -8.39
CA CYS D 86 1.06 4.87 -8.78
C CYS D 86 -0.27 5.59 -9.00
N MET D 87 -0.61 6.48 -8.08
CA MET D 87 -1.88 7.20 -8.16
C MET D 87 -1.91 8.16 -9.37
N ARG D 88 -0.78 8.82 -9.62
CA ARG D 88 -0.68 9.76 -10.74
C ARG D 88 -0.81 9.04 -12.10
N THR D 89 -0.37 7.80 -12.16
CA THR D 89 -0.31 7.05 -13.42
C THR D 89 -1.56 6.21 -13.66
N CYS D 90 -2.04 5.55 -12.61
CA CYS D 90 -3.13 4.59 -12.71
C CYS D 90 -4.40 5.02 -11.95
N GLY D 91 -4.34 6.18 -11.29
CA GLY D 91 -5.42 6.70 -10.47
C GLY D 91 -6.82 6.73 -11.04
N GLY D 92 -7.08 7.66 -11.96
CA GLY D 92 -8.43 7.85 -12.50
C GLY D 92 -8.57 7.41 -13.95
N ALA D 93 -9.80 7.12 -14.36
CA ALA D 93 -10.06 6.68 -15.73
C ALA D 93 -10.01 7.85 -16.72
N ILE D 94 -9.73 8.98 -16.34
#